data_1EXC
#
_entry.id   1EXC
#
_cell.length_a   62.10
_cell.length_b   86.58
_cell.length_c   93.73
_cell.angle_alpha   90.00
_cell.angle_beta   90.00
_cell.angle_gamma   90.00
#
_symmetry.space_group_name_H-M   'P 21 21 21'
#
loop_
_entity.id
_entity.type
_entity.pdbx_description
1 polymer 'PROTEIN MAF'
2 non-polymer 'SODIUM ION'
3 non-polymer "DEOXYURIDINE-5'-TRIPHOSPHATE"
4 water water
#
_entity_poly.entity_id   1
_entity_poly.type   'polypeptide(L)'
_entity_poly.pdbx_seq_one_letter_code
;MTKPLILASQSPRRKELLDLLQLPYSIIVSEVEEKLNRNFSPEENVQWLAKQKAKAVADLHPHAIVIGADTMVCLDGECL
GKPQDQEEAASMLRRLSGRSHSVITAVSIQAENHSETFYDKTEVAFWSLSEEEIWTYIETKEPMDKAGAYGIQGRGALFV
KKIDGDYYSVMGLPISKTMRALRHFDIRA
;
_entity_poly.pdbx_strand_id   A,B
#
# COMPACT_ATOMS: atom_id res chain seq x y z
N MET A 1 13.91 15.18 -0.06
CA MET A 1 14.24 16.35 -0.95
C MET A 1 14.43 15.87 -2.38
N THR A 2 13.83 14.74 -2.72
CA THR A 2 13.97 14.19 -4.07
C THR A 2 12.66 14.20 -4.85
N LYS A 3 11.55 13.91 -4.19
CA LYS A 3 10.25 13.89 -4.89
C LYS A 3 9.23 14.97 -4.49
N PRO A 4 8.51 15.50 -5.49
CA PRO A 4 7.49 16.53 -5.24
C PRO A 4 6.21 15.85 -4.71
N LEU A 5 5.53 16.54 -3.80
CA LEU A 5 4.30 16.03 -3.19
C LEU A 5 3.08 16.56 -3.94
N ILE A 6 2.07 15.72 -4.14
CA ILE A 6 0.83 16.15 -4.80
C ILE A 6 -0.37 15.73 -3.95
N LEU A 7 -1.37 16.60 -3.86
CA LEU A 7 -2.59 16.29 -3.13
C LEU A 7 -3.66 16.17 -4.19
N ALA A 8 -4.04 14.95 -4.51
CA ALA A 8 -5.06 14.75 -5.51
C ALA A 8 -6.44 15.09 -4.93
N SER A 9 -6.62 16.31 -4.46
CA SER A 9 -7.93 16.65 -3.90
C SER A 9 -8.30 18.14 -3.93
N GLN A 10 -9.56 18.41 -4.26
CA GLN A 10 -10.06 19.76 -4.31
C GLN A 10 -10.94 20.10 -3.11
N SER A 11 -10.73 19.39 -2.01
CA SER A 11 -11.50 19.61 -0.78
C SER A 11 -10.73 20.64 0.05
N PRO A 12 -11.33 21.82 0.26
CA PRO A 12 -10.60 22.81 1.07
C PRO A 12 -10.15 22.28 2.42
N ARG A 13 -11.00 21.47 3.06
CA ARG A 13 -10.67 20.89 4.35
C ARG A 13 -9.38 20.03 4.29
N ARG A 14 -9.22 19.25 3.23
CA ARG A 14 -8.03 18.43 3.09
C ARG A 14 -6.82 19.32 2.86
N LYS A 15 -7.03 20.46 2.23
CA LYS A 15 -5.93 21.39 1.98
C LYS A 15 -5.53 22.06 3.30
N GLU A 16 -6.52 22.54 4.03
CA GLU A 16 -6.29 23.21 5.31
C GLU A 16 -5.43 22.31 6.20
N LEU A 17 -5.76 21.02 6.23
CA LEU A 17 -5.02 20.08 7.07
C LEU A 17 -3.59 19.81 6.60
N LEU A 18 -3.43 19.42 5.33
CA LEU A 18 -2.10 19.11 4.80
C LEU A 18 -1.09 20.27 4.93
N ASP A 19 -1.58 21.52 4.99
CA ASP A 19 -0.69 22.67 5.17
C ASP A 19 0.01 22.54 6.53
N LEU A 20 -0.68 21.94 7.49
CA LEU A 20 -0.11 21.74 8.82
C LEU A 20 1.29 21.16 8.74
N LEU A 21 1.44 20.15 7.89
CA LEU A 21 2.71 19.48 7.70
C LEU A 21 3.87 20.45 7.39
N GLN A 22 3.54 21.55 6.72
CA GLN A 22 4.52 22.56 6.32
C GLN A 22 5.38 21.99 5.21
N LEU A 23 4.72 21.42 4.20
CA LEU A 23 5.44 20.84 3.07
C LEU A 23 4.92 21.35 1.73
N PRO A 24 5.81 21.94 0.92
CA PRO A 24 5.43 22.46 -0.39
C PRO A 24 4.81 21.35 -1.23
N TYR A 25 3.61 21.61 -1.77
CA TYR A 25 2.92 20.63 -2.59
C TYR A 25 1.93 21.34 -3.51
N SER A 26 1.60 20.69 -4.60
CA SER A 26 0.65 21.22 -5.57
C SER A 26 -0.65 20.41 -5.49
N ILE A 27 -1.73 20.98 -6.03
CA ILE A 27 -3.04 20.33 -6.03
C ILE A 27 -3.41 19.92 -7.46
N ILE A 28 -3.52 18.62 -7.72
CA ILE A 28 -3.82 18.14 -9.07
C ILE A 28 -4.80 16.98 -9.05
N VAL A 29 -5.93 17.14 -9.72
CA VAL A 29 -6.94 16.09 -9.75
C VAL A 29 -7.38 15.65 -11.13
N SER A 30 -7.77 14.39 -11.22
CA SER A 30 -8.26 13.81 -12.45
C SER A 30 -9.46 12.94 -12.06
N GLU A 31 -10.65 13.37 -12.46
CA GLU A 31 -11.86 12.65 -12.14
C GLU A 31 -11.70 11.15 -12.38
N VAL A 32 -12.42 10.36 -11.59
CA VAL A 32 -12.41 8.91 -11.71
C VAL A 32 -13.81 8.44 -11.31
N GLU A 33 -14.21 7.29 -11.83
CA GLU A 33 -15.52 6.72 -11.51
C GLU A 33 -15.66 6.40 -10.03
N GLU A 34 -16.65 7.00 -9.37
CA GLU A 34 -16.88 6.76 -7.93
C GLU A 34 -17.83 5.58 -7.71
N LYS A 35 -17.75 4.59 -8.62
CA LYS A 35 -18.57 3.40 -8.56
C LYS A 35 -18.26 2.63 -7.28
N LEU A 36 -19.31 2.20 -6.57
CA LEU A 36 -19.15 1.45 -5.33
C LEU A 36 -19.90 0.13 -5.49
N ASN A 37 -19.19 -0.98 -5.40
CA ASN A 37 -19.81 -2.29 -5.55
C ASN A 37 -20.55 -2.72 -4.29
N ARG A 38 -21.77 -3.22 -4.46
CA ARG A 38 -22.60 -3.63 -3.33
C ARG A 38 -22.00 -4.77 -2.50
N ASN A 39 -21.56 -5.84 -3.16
CA ASN A 39 -20.98 -6.95 -2.43
C ASN A 39 -19.50 -6.66 -2.13
N PHE A 40 -19.30 -5.65 -1.29
CA PHE A 40 -18.00 -5.18 -0.85
C PHE A 40 -18.27 -4.35 0.40
N SER A 41 -17.38 -4.40 1.38
CA SER A 41 -17.63 -3.63 2.60
C SER A 41 -17.27 -2.17 2.36
N PRO A 42 -17.76 -1.27 3.23
CA PRO A 42 -17.46 0.15 3.07
C PRO A 42 -15.95 0.38 3.19
N GLU A 43 -15.35 -0.26 4.19
CA GLU A 43 -13.91 -0.14 4.40
C GLU A 43 -13.14 -0.51 3.13
N GLU A 44 -13.61 -1.53 2.42
CA GLU A 44 -12.97 -1.96 1.19
C GLU A 44 -13.08 -0.84 0.16
N ASN A 45 -14.29 -0.34 -0.01
CA ASN A 45 -14.56 0.72 -0.98
C ASN A 45 -13.88 2.04 -0.67
N VAL A 46 -14.07 2.54 0.54
CA VAL A 46 -13.48 3.82 0.90
C VAL A 46 -11.98 3.74 0.60
N GLN A 47 -11.41 2.56 0.80
CA GLN A 47 -10.00 2.36 0.52
C GLN A 47 -9.74 2.26 -0.99
N TRP A 48 -10.65 1.62 -1.71
CA TRP A 48 -10.52 1.45 -3.16
C TRP A 48 -10.64 2.79 -3.89
N LEU A 49 -11.51 3.66 -3.38
CA LEU A 49 -11.73 4.97 -3.98
C LEU A 49 -10.53 5.89 -3.81
N ALA A 50 -10.03 5.97 -2.58
CA ALA A 50 -8.88 6.80 -2.28
C ALA A 50 -7.68 6.33 -3.09
N LYS A 51 -7.72 5.05 -3.48
CA LYS A 51 -6.67 4.42 -4.26
C LYS A 51 -6.76 4.90 -5.70
N GLN A 52 -7.97 4.86 -6.24
CA GLN A 52 -8.22 5.28 -7.62
C GLN A 52 -7.83 6.73 -7.85
N LYS A 53 -8.34 7.61 -6.99
CA LYS A 53 -8.05 9.05 -7.06
C LYS A 53 -6.57 9.35 -7.10
N ALA A 54 -5.80 8.70 -6.22
CA ALA A 54 -4.37 8.92 -6.17
C ALA A 54 -3.63 8.35 -7.40
N LYS A 55 -4.09 7.21 -7.92
CA LYS A 55 -3.43 6.59 -9.08
C LYS A 55 -3.60 7.37 -10.38
N ALA A 56 -4.82 7.80 -10.65
CA ALA A 56 -5.13 8.56 -11.85
C ALA A 56 -4.17 9.75 -11.97
N VAL A 57 -3.80 10.37 -10.84
CA VAL A 57 -2.89 11.52 -10.86
C VAL A 57 -1.46 11.01 -10.88
N ALA A 58 -1.18 9.93 -10.16
CA ALA A 58 0.18 9.37 -10.15
C ALA A 58 0.59 8.82 -11.52
N ASP A 59 -0.39 8.37 -12.31
CA ASP A 59 -0.07 7.87 -13.64
C ASP A 59 0.40 9.02 -14.51
N LEU A 60 0.06 10.23 -14.08
CA LEU A 60 0.40 11.45 -14.81
C LEU A 60 1.66 12.11 -14.25
N HIS A 61 2.14 11.61 -13.12
CA HIS A 61 3.34 12.16 -12.48
C HIS A 61 4.07 11.01 -11.78
N PRO A 62 4.57 10.06 -12.57
CA PRO A 62 5.31 8.86 -12.13
C PRO A 62 6.32 9.11 -11.02
N HIS A 63 7.07 10.20 -11.15
CA HIS A 63 8.10 10.53 -10.19
C HIS A 63 7.61 11.35 -9.02
N ALA A 64 6.30 11.33 -8.79
CA ALA A 64 5.75 12.10 -7.69
C ALA A 64 5.09 11.20 -6.68
N ILE A 65 4.78 11.77 -5.53
CA ILE A 65 4.09 11.09 -4.45
C ILE A 65 2.70 11.71 -4.51
N VAL A 66 1.64 10.91 -4.56
CA VAL A 66 0.32 11.50 -4.64
C VAL A 66 -0.61 10.99 -3.56
N ILE A 67 -1.27 11.92 -2.86
CA ILE A 67 -2.19 11.56 -1.79
C ILE A 67 -3.67 11.58 -2.16
N GLY A 68 -4.30 10.42 -2.21
CA GLY A 68 -5.71 10.33 -2.51
C GLY A 68 -6.45 10.14 -1.19
N ALA A 69 -7.72 10.54 -1.12
CA ALA A 69 -8.49 10.37 0.11
C ALA A 69 -10.00 10.37 -0.14
N ASP A 70 -10.75 9.77 0.78
CA ASP A 70 -12.19 9.69 0.63
C ASP A 70 -12.83 9.39 1.99
N THR A 71 -13.98 10.00 2.24
CA THR A 71 -14.68 9.80 3.52
C THR A 71 -16.08 9.26 3.32
N MET A 72 -16.53 8.43 4.26
CA MET A 72 -17.88 7.88 4.19
C MET A 72 -18.54 7.97 5.55
N VAL A 73 -19.85 8.21 5.54
CA VAL A 73 -20.64 8.29 6.75
C VAL A 73 -21.50 7.02 6.74
N CYS A 74 -21.30 6.15 7.72
CA CYS A 74 -22.06 4.91 7.75
C CYS A 74 -22.68 4.59 9.12
N LEU A 75 -23.88 4.02 9.09
CA LEU A 75 -24.58 3.58 10.29
C LEU A 75 -25.38 2.32 9.92
N ASP A 76 -25.31 1.28 10.74
CA ASP A 76 -26.03 0.03 10.46
C ASP A 76 -25.64 -0.57 9.11
N GLY A 77 -24.34 -0.53 8.79
CA GLY A 77 -23.87 -1.08 7.53
C GLY A 77 -24.09 -0.15 6.37
N GLU A 78 -25.23 0.55 6.37
CA GLU A 78 -25.53 1.48 5.29
C GLU A 78 -24.67 2.74 5.35
N CYS A 79 -24.39 3.34 4.21
CA CYS A 79 -23.57 4.55 4.18
C CYS A 79 -24.27 5.64 3.38
N LEU A 80 -24.48 6.80 4.01
CA LEU A 80 -25.13 7.92 3.35
C LEU A 80 -24.12 8.79 2.60
N GLY A 81 -24.39 9.03 1.31
CA GLY A 81 -23.51 9.88 0.53
C GLY A 81 -23.95 11.33 0.66
N LYS A 82 -23.81 12.10 -0.41
CA LYS A 82 -24.23 13.49 -0.38
C LYS A 82 -25.69 13.54 -0.79
N PRO A 83 -26.46 14.50 -0.25
CA PRO A 83 -27.88 14.56 -0.63
C PRO A 83 -28.06 15.12 -2.04
N GLN A 84 -28.95 14.51 -2.81
CA GLN A 84 -29.20 14.97 -4.17
C GLN A 84 -30.08 16.22 -4.16
N ASP A 85 -30.84 16.38 -3.09
CA ASP A 85 -31.74 17.52 -2.94
C ASP A 85 -31.82 17.89 -1.47
N GLN A 86 -32.17 19.14 -1.20
CA GLN A 86 -32.27 19.63 0.17
C GLN A 86 -33.15 18.73 1.04
N GLU A 87 -34.00 17.93 0.40
CA GLU A 87 -34.92 17.05 1.12
C GLU A 87 -34.27 15.74 1.59
N GLU A 88 -33.37 15.18 0.78
CA GLU A 88 -32.72 13.94 1.18
C GLU A 88 -31.72 14.29 2.28
N ALA A 89 -31.28 15.54 2.30
CA ALA A 89 -30.35 16.00 3.32
C ALA A 89 -31.06 15.94 4.67
N ALA A 90 -32.33 16.36 4.69
CA ALA A 90 -33.13 16.35 5.90
C ALA A 90 -33.37 14.92 6.38
N SER A 91 -33.56 14.02 5.42
CA SER A 91 -33.78 12.62 5.74
C SER A 91 -32.53 12.02 6.37
N MET A 92 -31.38 12.26 5.74
CA MET A 92 -30.11 11.74 6.25
C MET A 92 -29.89 12.16 7.71
N LEU A 93 -30.11 13.44 8.01
CA LEU A 93 -29.94 13.95 9.36
C LEU A 93 -30.92 13.30 10.33
N ARG A 94 -32.16 13.17 9.89
CA ARG A 94 -33.20 12.56 10.70
C ARG A 94 -32.74 11.17 11.11
N ARG A 95 -31.89 10.57 10.28
CA ARG A 95 -31.37 9.23 10.56
C ARG A 95 -30.18 9.24 11.52
N LEU A 96 -29.34 10.27 11.44
CA LEU A 96 -28.18 10.37 12.32
C LEU A 96 -28.55 10.84 13.71
N SER A 97 -29.66 11.59 13.78
CA SER A 97 -30.12 12.14 15.05
C SER A 97 -30.15 11.25 16.30
N GLY A 98 -29.72 11.84 17.39
CA GLY A 98 -29.70 11.17 18.67
C GLY A 98 -29.06 9.80 18.78
N ARG A 99 -27.99 9.57 18.03
CA ARG A 99 -27.32 8.29 18.10
C ARG A 99 -25.92 8.39 17.55
N SER A 100 -25.32 7.24 17.27
CA SER A 100 -23.97 7.18 16.73
C SER A 100 -23.86 6.63 15.31
N HIS A 101 -22.78 7.01 14.63
CA HIS A 101 -22.50 6.53 13.29
C HIS A 101 -20.98 6.46 13.13
N SER A 102 -20.56 5.89 12.01
CA SER A 102 -19.14 5.76 11.71
C SER A 102 -18.74 6.66 10.55
N VAL A 103 -17.57 7.26 10.68
CA VAL A 103 -17.05 8.11 9.64
C VAL A 103 -15.76 7.43 9.21
N ILE A 104 -15.73 6.93 7.98
CA ILE A 104 -14.54 6.25 7.49
C ILE A 104 -13.78 7.04 6.43
N THR A 105 -12.52 7.37 6.71
CA THR A 105 -11.72 8.12 5.76
C THR A 105 -10.51 7.27 5.41
N ALA A 106 -10.36 6.99 4.12
CA ALA A 106 -9.24 6.21 3.61
C ALA A 106 -8.27 7.13 2.92
N VAL A 107 -6.99 6.89 3.13
CA VAL A 107 -5.94 7.69 2.53
C VAL A 107 -5.02 6.77 1.77
N SER A 108 -4.69 7.16 0.55
CA SER A 108 -3.78 6.38 -0.26
C SER A 108 -2.61 7.27 -0.70
N ILE A 109 -1.40 6.71 -0.64
CA ILE A 109 -0.22 7.45 -1.06
C ILE A 109 0.54 6.61 -2.07
N GLN A 110 0.79 7.18 -3.23
CA GLN A 110 1.45 6.50 -4.33
C GLN A 110 2.78 7.13 -4.76
N ALA A 111 3.74 6.27 -5.07
CA ALA A 111 5.06 6.66 -5.57
C ALA A 111 5.48 5.49 -6.44
N GLU A 112 6.56 5.60 -7.19
CA GLU A 112 6.90 4.47 -8.06
C GLU A 112 7.53 3.29 -7.31
N ASN A 113 8.18 3.58 -6.19
CA ASN A 113 8.85 2.56 -5.38
C ASN A 113 8.20 2.32 -4.01
N HIS A 114 7.04 2.91 -3.78
CA HIS A 114 6.37 2.75 -2.49
C HIS A 114 4.91 3.20 -2.55
N SER A 115 4.01 2.38 -2.00
CA SER A 115 2.58 2.70 -1.99
C SER A 115 1.93 2.28 -0.68
N GLU A 116 1.09 3.16 -0.15
CA GLU A 116 0.43 2.86 1.11
C GLU A 116 -1.02 3.33 1.14
N THR A 117 -1.90 2.47 1.64
CA THR A 117 -3.30 2.80 1.75
C THR A 117 -3.84 2.23 3.05
N PHE A 118 -4.69 3.01 3.73
CA PHE A 118 -5.28 2.63 5.01
C PHE A 118 -6.54 3.44 5.27
N TYR A 119 -7.38 3.00 6.21
CA TYR A 119 -8.57 3.77 6.52
C TYR A 119 -8.59 4.08 8.01
N ASP A 120 -9.28 5.14 8.39
CA ASP A 120 -9.38 5.54 9.78
C ASP A 120 -10.85 5.66 10.11
N LYS A 121 -11.27 5.02 11.19
CA LYS A 121 -12.67 5.04 11.60
C LYS A 121 -12.89 5.79 12.91
N THR A 122 -13.96 6.57 12.95
CA THR A 122 -14.30 7.35 14.13
C THR A 122 -15.80 7.20 14.37
N GLU A 123 -16.20 7.10 15.63
CA GLU A 123 -17.61 7.02 15.93
C GLU A 123 -18.05 8.42 16.26
N VAL A 124 -19.19 8.82 15.73
CA VAL A 124 -19.71 10.16 16.02
C VAL A 124 -21.11 10.04 16.63
N ALA A 125 -21.28 10.62 17.82
CA ALA A 125 -22.56 10.59 18.50
C ALA A 125 -23.26 11.95 18.36
N PHE A 126 -24.50 11.89 17.89
CA PHE A 126 -25.35 13.07 17.67
C PHE A 126 -26.38 13.31 18.78
N TRP A 127 -26.63 14.58 19.11
CA TRP A 127 -27.67 14.87 20.08
C TRP A 127 -28.93 14.64 19.25
N SER A 128 -30.07 14.48 19.88
CA SER A 128 -31.29 14.30 19.11
C SER A 128 -31.51 15.67 18.47
N LEU A 129 -31.89 15.68 17.20
CA LEU A 129 -32.09 16.94 16.49
C LEU A 129 -33.55 17.22 16.10
N SER A 130 -33.86 18.49 15.86
CA SER A 130 -35.21 18.91 15.49
C SER A 130 -35.32 19.50 14.08
N GLU A 131 -36.51 19.39 13.50
CA GLU A 131 -36.81 19.91 12.16
C GLU A 131 -36.26 21.32 11.96
N GLU A 132 -36.54 22.19 12.93
CA GLU A 132 -36.07 23.57 12.90
C GLU A 132 -34.56 23.52 12.77
N GLU A 133 -33.92 22.78 13.67
CA GLU A 133 -32.46 22.64 13.66
C GLU A 133 -31.97 22.05 12.34
N ILE A 134 -32.70 21.03 11.86
CA ILE A 134 -32.33 20.35 10.62
C ILE A 134 -32.46 21.21 9.36
N TRP A 135 -33.56 21.94 9.26
CA TRP A 135 -33.78 22.78 8.09
C TRP A 135 -33.00 24.07 8.12
N THR A 136 -32.82 24.64 9.30
CA THR A 136 -32.08 25.88 9.46
C THR A 136 -30.67 25.64 8.94
N TYR A 137 -30.05 24.57 9.43
CA TYR A 137 -28.71 24.21 9.02
C TYR A 137 -28.69 23.90 7.52
N ILE A 138 -29.71 23.18 7.04
CA ILE A 138 -29.77 22.84 5.61
C ILE A 138 -29.76 24.13 4.78
N GLU A 139 -30.37 25.19 5.32
CA GLU A 139 -30.44 26.47 4.64
C GLU A 139 -29.04 26.89 4.21
N THR A 140 -28.11 26.88 5.17
CA THR A 140 -26.72 27.25 4.92
C THR A 140 -26.15 26.58 3.68
N LYS A 141 -26.75 25.47 3.29
CA LYS A 141 -26.32 24.69 2.12
C LYS A 141 -25.06 23.90 2.41
N GLU A 142 -24.69 23.83 3.68
CA GLU A 142 -23.49 23.11 4.07
C GLU A 142 -23.68 21.62 3.88
N PRO A 143 -24.70 21.03 4.50
CA PRO A 143 -24.91 19.59 4.32
C PRO A 143 -24.88 19.15 2.86
N MET A 144 -25.29 20.03 1.97
CA MET A 144 -25.33 19.74 0.55
C MET A 144 -23.98 19.38 -0.05
N ASP A 145 -22.91 19.83 0.58
CA ASP A 145 -21.57 19.55 0.07
C ASP A 145 -20.88 18.34 0.68
N LYS A 146 -21.53 17.67 1.64
CA LYS A 146 -20.89 16.53 2.27
C LYS A 146 -21.72 15.26 2.37
N ALA A 147 -21.02 14.15 2.63
CA ALA A 147 -21.67 12.86 2.78
C ALA A 147 -22.17 12.78 4.21
N GLY A 148 -23.44 12.41 4.37
CA GLY A 148 -24.04 12.31 5.68
C GLY A 148 -24.88 13.53 5.98
N ALA A 149 -24.82 14.49 5.06
CA ALA A 149 -25.57 15.75 5.15
C ALA A 149 -25.16 16.61 6.32
N TYR A 150 -23.85 16.71 6.55
CA TYR A 150 -23.36 17.54 7.64
C TYR A 150 -21.84 17.65 7.72
N GLY A 151 -21.38 18.76 8.29
CA GLY A 151 -19.96 18.97 8.47
C GLY A 151 -19.77 19.00 9.96
N ILE A 152 -18.60 18.60 10.46
CA ILE A 152 -18.38 18.62 11.89
C ILE A 152 -17.96 20.05 12.29
N GLN A 153 -17.53 20.83 11.28
CA GLN A 153 -17.12 22.20 11.48
C GLN A 153 -18.29 23.16 11.23
N GLY A 154 -18.18 24.36 11.79
CA GLY A 154 -19.22 25.34 11.60
C GLY A 154 -20.46 25.05 12.41
N ARG A 155 -21.62 25.29 11.83
CA ARG A 155 -22.89 25.08 12.50
C ARG A 155 -23.19 23.65 12.85
N GLY A 156 -22.51 22.72 12.18
CA GLY A 156 -22.75 21.30 12.45
C GLY A 156 -22.31 20.86 13.83
N ALA A 157 -21.18 21.42 14.27
CA ALA A 157 -20.59 21.11 15.57
C ALA A 157 -21.59 21.06 16.73
N LEU A 158 -22.74 21.71 16.56
CA LEU A 158 -23.74 21.73 17.61
C LEU A 158 -24.51 20.41 17.74
N PHE A 159 -24.41 19.57 16.71
CA PHE A 159 -25.08 18.27 16.70
C PHE A 159 -24.18 17.18 17.29
N VAL A 160 -22.89 17.32 17.09
CA VAL A 160 -21.98 16.33 17.61
C VAL A 160 -21.90 16.48 19.13
N LYS A 161 -22.16 15.36 19.82
CA LYS A 161 -22.14 15.30 21.27
C LYS A 161 -20.76 14.87 21.71
N LYS A 162 -20.12 14.07 20.87
CA LYS A 162 -18.76 13.59 21.14
C LYS A 162 -18.30 12.57 20.12
N ILE A 163 -17.00 12.36 20.06
CA ILE A 163 -16.47 11.40 19.13
C ILE A 163 -15.48 10.50 19.84
N ASP A 164 -15.16 9.39 19.18
CA ASP A 164 -14.17 8.46 19.70
C ASP A 164 -13.31 8.17 18.48
N GLY A 165 -12.18 8.84 18.40
CA GLY A 165 -11.33 8.65 17.25
C GLY A 165 -10.60 9.93 16.86
N ASP A 166 -10.49 10.19 15.57
CA ASP A 166 -9.77 11.37 15.10
C ASP A 166 -10.60 12.47 14.44
N TYR A 167 -10.64 13.63 15.12
CA TYR A 167 -11.37 14.80 14.63
C TYR A 167 -11.03 15.19 13.20
N TYR A 168 -9.73 15.24 12.90
CA TYR A 168 -9.29 15.61 11.56
C TYR A 168 -9.70 14.61 10.49
N SER A 169 -9.89 13.37 10.89
CA SER A 169 -10.28 12.35 9.93
C SER A 169 -11.74 12.59 9.58
N VAL A 170 -12.53 13.00 10.57
CA VAL A 170 -13.95 13.27 10.33
C VAL A 170 -14.05 14.46 9.41
N MET A 171 -12.98 15.26 9.38
CA MET A 171 -12.95 16.43 8.52
C MET A 171 -12.49 16.09 7.11
N GLY A 172 -11.99 14.87 6.94
CA GLY A 172 -11.56 14.43 5.63
C GLY A 172 -10.16 13.88 5.49
N LEU A 173 -9.30 14.13 6.47
CA LEU A 173 -7.94 13.62 6.40
C LEU A 173 -7.27 13.42 7.75
N PRO A 174 -6.87 12.19 8.06
CA PRO A 174 -6.21 11.97 9.34
C PRO A 174 -4.73 12.37 9.18
N ILE A 175 -4.43 13.63 9.46
CA ILE A 175 -3.07 14.15 9.34
C ILE A 175 -1.97 13.46 10.13
N SER A 176 -2.23 13.12 11.39
CA SER A 176 -1.19 12.47 12.20
C SER A 176 -0.66 11.24 11.46
N LYS A 177 -1.55 10.31 11.13
CA LYS A 177 -1.19 9.10 10.42
C LYS A 177 -0.61 9.41 9.05
N THR A 178 -1.28 10.29 8.31
CA THR A 178 -0.83 10.67 6.97
C THR A 178 0.58 11.21 6.98
N MET A 179 0.86 12.05 7.97
CA MET A 179 2.19 12.64 8.14
C MET A 179 3.22 11.55 8.45
N ARG A 180 2.80 10.56 9.24
CA ARG A 180 3.69 9.47 9.63
C ARG A 180 4.02 8.49 8.52
N ALA A 181 3.15 8.37 7.52
CA ALA A 181 3.42 7.43 6.43
C ALA A 181 4.37 8.13 5.46
N LEU A 182 4.17 9.44 5.32
CA LEU A 182 5.00 10.25 4.45
C LEU A 182 6.48 10.20 4.85
N ARG A 183 6.74 9.99 6.14
CA ARG A 183 8.11 9.91 6.62
C ARG A 183 8.88 8.76 6.01
N HIS A 184 8.15 7.82 5.40
CA HIS A 184 8.79 6.69 4.75
C HIS A 184 9.03 7.03 3.30
N PHE A 185 9.13 8.34 3.04
CA PHE A 185 9.36 8.88 1.70
C PHE A 185 10.44 9.97 1.72
N MET B 1 -1.04 -4.48 19.46
CA MET B 1 -1.24 -5.32 18.23
C MET B 1 -2.41 -6.28 18.47
N THR B 2 -3.25 -6.47 17.46
CA THR B 2 -4.39 -7.36 17.58
C THR B 2 -4.54 -8.27 16.40
N LYS B 3 -3.61 -8.18 15.45
CA LYS B 3 -3.69 -9.04 14.28
C LYS B 3 -2.51 -10.01 14.23
N PRO B 4 -2.79 -11.29 13.91
CA PRO B 4 -1.79 -12.37 13.81
C PRO B 4 -0.95 -12.10 12.57
N LEU B 5 0.33 -12.48 12.58
CA LEU B 5 1.20 -12.23 11.44
C LEU B 5 1.47 -13.47 10.59
N ILE B 6 1.32 -13.35 9.28
CA ILE B 6 1.53 -14.48 8.38
C ILE B 6 2.50 -14.20 7.23
N LEU B 7 3.38 -15.16 6.99
CA LEU B 7 4.35 -15.06 5.92
C LEU B 7 3.83 -15.97 4.81
N ALA B 8 3.47 -15.38 3.68
CA ALA B 8 2.96 -16.15 2.55
C ALA B 8 4.10 -16.55 1.61
N SER B 9 5.05 -17.34 2.09
CA SER B 9 6.16 -17.78 1.28
C SER B 9 6.66 -19.19 1.58
N GLN B 10 7.19 -19.84 0.55
CA GLN B 10 7.73 -21.18 0.65
C GLN B 10 9.25 -21.06 0.87
N SER B 11 9.75 -19.84 0.74
CA SER B 11 11.17 -19.54 0.86
C SER B 11 11.85 -19.73 2.21
N PRO B 12 12.83 -20.63 2.29
CA PRO B 12 13.52 -20.84 3.56
C PRO B 12 14.40 -19.65 3.95
N ARG B 13 14.76 -18.82 2.96
CA ARG B 13 15.58 -17.64 3.22
C ARG B 13 14.74 -16.50 3.81
N ARG B 14 13.51 -16.37 3.32
CA ARG B 14 12.59 -15.35 3.80
C ARG B 14 12.14 -15.70 5.22
N LYS B 15 12.22 -16.99 5.55
CA LYS B 15 11.83 -17.46 6.86
C LYS B 15 12.92 -17.18 7.88
N GLU B 16 14.18 -17.45 7.51
CA GLU B 16 15.29 -17.21 8.42
C GLU B 16 15.41 -15.72 8.75
N LEU B 17 15.15 -14.88 7.75
CA LEU B 17 15.22 -13.44 7.90
C LEU B 17 14.05 -12.92 8.71
N LEU B 18 12.87 -13.49 8.49
CA LEU B 18 11.71 -13.04 9.23
C LEU B 18 11.88 -13.37 10.71
N ASP B 19 12.47 -14.52 11.01
CA ASP B 19 12.68 -14.89 12.42
C ASP B 19 13.45 -13.80 13.18
N LEU B 20 14.30 -13.05 12.48
CA LEU B 20 15.07 -12.00 13.12
C LEU B 20 14.21 -10.92 13.79
N LEU B 21 12.90 -10.95 13.57
CA LEU B 21 12.04 -9.94 14.17
C LEU B 21 11.58 -10.40 15.55
N GLN B 22 11.85 -11.67 15.85
CA GLN B 22 11.48 -12.25 17.12
C GLN B 22 10.01 -12.01 17.42
N LEU B 23 9.20 -12.04 16.37
CA LEU B 23 7.75 -11.85 16.45
C LEU B 23 7.05 -13.13 16.00
N PRO B 24 6.09 -13.63 16.81
CA PRO B 24 5.37 -14.85 16.45
C PRO B 24 4.62 -14.65 15.15
N TYR B 25 4.54 -15.70 14.34
CA TYR B 25 3.83 -15.63 13.06
C TYR B 25 3.77 -17.03 12.51
N SER B 26 3.06 -17.22 11.40
CA SER B 26 2.96 -18.55 10.83
C SER B 26 3.16 -18.49 9.33
N ILE B 27 3.49 -19.64 8.73
CA ILE B 27 3.78 -19.73 7.31
C ILE B 27 2.69 -20.44 6.51
N ILE B 28 2.20 -19.78 5.45
CA ILE B 28 1.15 -20.37 4.63
C ILE B 28 1.49 -20.61 3.16
N VAL B 29 1.06 -21.78 2.69
CA VAL B 29 1.27 -22.24 1.31
C VAL B 29 0.46 -21.44 0.28
N SER B 30 1.14 -20.60 -0.51
CA SER B 30 0.45 -19.80 -1.52
C SER B 30 0.53 -20.38 -2.94
N GLU B 31 -0.56 -20.29 -3.67
CA GLU B 31 -0.60 -20.80 -5.05
C GLU B 31 -0.99 -19.63 -5.95
N VAL B 32 -0.04 -19.10 -6.69
CA VAL B 32 -0.31 -17.98 -7.58
C VAL B 32 0.48 -18.16 -8.86
N GLU B 33 -0.08 -17.69 -9.98
CA GLU B 33 0.58 -17.81 -11.28
C GLU B 33 1.57 -16.66 -11.51
N GLU B 34 2.83 -17.02 -11.64
CA GLU B 34 3.90 -16.06 -11.86
C GLU B 34 3.85 -15.45 -13.26
N LYS B 35 2.65 -15.32 -13.81
CA LYS B 35 2.51 -14.73 -15.14
C LYS B 35 2.70 -13.22 -15.03
N LEU B 36 3.80 -12.72 -15.59
CA LEU B 36 4.12 -11.31 -15.56
C LEU B 36 3.98 -10.65 -16.93
N ASN B 37 3.16 -9.60 -17.00
CA ASN B 37 2.90 -8.87 -18.25
C ASN B 37 4.10 -8.08 -18.74
N ARG B 38 4.50 -8.34 -19.98
CA ARG B 38 5.66 -7.69 -20.61
C ARG B 38 5.50 -6.18 -20.85
N ASN B 39 4.27 -5.69 -20.81
CA ASN B 39 3.99 -4.27 -21.02
C ASN B 39 4.53 -3.43 -19.88
N PHE B 40 4.60 -4.02 -18.69
CA PHE B 40 5.05 -3.32 -17.49
C PHE B 40 6.53 -3.44 -17.17
N SER B 41 7.02 -2.50 -16.36
CA SER B 41 8.42 -2.46 -15.96
C SER B 41 8.78 -3.46 -14.86
N PRO B 42 10.06 -3.81 -14.76
CA PRO B 42 10.54 -4.74 -13.75
C PRO B 42 10.05 -4.33 -12.37
N GLU B 43 10.39 -3.11 -11.98
CA GLU B 43 9.99 -2.59 -10.68
C GLU B 43 8.49 -2.70 -10.47
N GLU B 44 7.71 -2.56 -11.52
CA GLU B 44 6.25 -2.64 -11.40
C GLU B 44 5.82 -4.10 -11.19
N ASN B 45 6.20 -4.97 -12.12
CA ASN B 45 5.83 -6.37 -12.04
C ASN B 45 6.22 -7.04 -10.73
N VAL B 46 7.42 -6.76 -10.25
CA VAL B 46 7.84 -7.38 -9.01
C VAL B 46 6.88 -6.94 -7.89
N GLN B 47 6.67 -5.64 -7.73
CA GLN B 47 5.74 -5.15 -6.70
C GLN B 47 4.38 -5.83 -6.86
N TRP B 48 3.95 -5.95 -8.11
CA TRP B 48 2.69 -6.59 -8.42
C TRP B 48 2.64 -8.05 -7.96
N LEU B 49 3.74 -8.79 -8.11
CA LEU B 49 3.75 -10.20 -7.68
C LEU B 49 3.75 -10.34 -6.18
N ALA B 50 4.56 -9.53 -5.52
CA ALA B 50 4.61 -9.57 -4.07
C ALA B 50 3.16 -9.33 -3.64
N LYS B 51 2.56 -8.30 -4.22
CA LYS B 51 1.19 -7.92 -3.93
C LYS B 51 0.15 -9.00 -4.19
N GLN B 52 0.41 -9.90 -5.14
CA GLN B 52 -0.52 -10.98 -5.46
C GLN B 52 -0.39 -12.11 -4.46
N LYS B 53 0.85 -12.47 -4.11
CA LYS B 53 1.08 -13.55 -3.16
C LYS B 53 0.34 -13.22 -1.87
N ALA B 54 0.65 -12.05 -1.33
CA ALA B 54 0.07 -11.59 -0.07
C ALA B 54 -1.44 -11.58 -0.10
N LYS B 55 -2.00 -10.95 -1.12
CA LYS B 55 -3.44 -10.83 -1.29
C LYS B 55 -4.15 -12.18 -1.35
N ALA B 56 -3.50 -13.17 -1.93
CA ALA B 56 -4.10 -14.50 -2.00
C ALA B 56 -4.36 -15.04 -0.59
N VAL B 57 -3.37 -14.91 0.30
CA VAL B 57 -3.49 -15.42 1.65
C VAL B 57 -4.35 -14.51 2.50
N ALA B 58 -4.22 -13.20 2.32
CA ALA B 58 -5.06 -12.29 3.10
C ALA B 58 -6.54 -12.57 2.79
N ASP B 59 -6.83 -12.92 1.54
CA ASP B 59 -8.19 -13.22 1.11
C ASP B 59 -8.82 -14.33 1.94
N LEU B 60 -8.02 -15.34 2.27
CA LEU B 60 -8.50 -16.47 3.06
C LEU B 60 -8.51 -16.13 4.55
N HIS B 61 -7.53 -15.35 4.98
CA HIS B 61 -7.37 -14.98 6.37
C HIS B 61 -7.42 -13.46 6.58
N PRO B 62 -8.57 -12.85 6.28
CA PRO B 62 -8.88 -11.41 6.37
C PRO B 62 -8.56 -10.69 7.69
N HIS B 63 -8.44 -11.45 8.76
CA HIS B 63 -8.16 -10.89 10.08
C HIS B 63 -6.67 -10.73 10.34
N ALA B 64 -5.84 -11.27 9.44
CA ALA B 64 -4.39 -11.21 9.63
C ALA B 64 -3.59 -10.16 8.83
N ILE B 65 -2.32 -10.04 9.16
CA ILE B 65 -1.39 -9.14 8.48
C ILE B 65 -0.56 -10.09 7.62
N VAL B 66 -0.61 -9.94 6.30
CA VAL B 66 0.13 -10.85 5.43
C VAL B 66 1.28 -10.25 4.64
N ILE B 67 2.44 -10.89 4.78
CA ILE B 67 3.65 -10.48 4.11
C ILE B 67 3.87 -11.38 2.89
N GLY B 68 4.17 -10.74 1.76
CA GLY B 68 4.45 -11.43 0.52
C GLY B 68 5.61 -10.68 -0.11
N ALA B 69 6.53 -11.40 -0.74
CA ALA B 69 7.68 -10.78 -1.37
C ALA B 69 8.12 -11.51 -2.63
N ASP B 70 8.90 -10.83 -3.46
CA ASP B 70 9.37 -11.42 -4.69
C ASP B 70 10.63 -10.72 -5.18
N THR B 71 11.61 -11.50 -5.59
CA THR B 71 12.88 -10.96 -6.04
C THR B 71 13.23 -11.24 -7.51
N MET B 72 13.89 -10.28 -8.14
CA MET B 72 14.30 -10.40 -9.54
C MET B 72 15.76 -10.02 -9.77
N VAL B 73 16.37 -10.67 -10.76
CA VAL B 73 17.75 -10.37 -11.15
C VAL B 73 17.68 -9.79 -12.54
N CYS B 74 17.73 -8.45 -12.65
CA CYS B 74 17.63 -7.82 -13.95
C CYS B 74 18.93 -7.18 -14.42
N LEU B 75 19.20 -7.39 -15.70
CA LEU B 75 20.39 -6.90 -16.37
C LEU B 75 19.97 -6.10 -17.61
N ASP B 76 20.20 -4.79 -17.59
CA ASP B 76 19.85 -3.93 -18.73
C ASP B 76 18.35 -3.86 -19.04
N GLY B 77 17.51 -3.79 -18.02
CA GLY B 77 16.08 -3.73 -18.27
C GLY B 77 15.52 -5.08 -18.68
N GLU B 78 16.40 -6.08 -18.74
CA GLU B 78 16.01 -7.43 -19.10
C GLU B 78 16.16 -8.23 -17.81
N CYS B 79 15.20 -9.08 -17.51
CA CYS B 79 15.29 -9.87 -16.29
C CYS B 79 15.41 -11.36 -16.55
N LEU B 80 16.30 -11.99 -15.79
CA LEU B 80 16.55 -13.40 -15.91
C LEU B 80 15.70 -14.16 -14.90
N GLY B 81 14.92 -15.11 -15.38
CA GLY B 81 14.07 -15.90 -14.49
C GLY B 81 14.76 -17.18 -14.09
N LYS B 82 13.96 -18.20 -13.77
CA LYS B 82 14.53 -19.48 -13.35
C LYS B 82 14.71 -20.41 -14.54
N PRO B 83 15.92 -20.99 -14.68
CA PRO B 83 16.25 -21.92 -15.78
C PRO B 83 15.30 -23.11 -15.81
N GLN B 84 14.88 -23.50 -17.02
CA GLN B 84 13.96 -24.64 -17.16
C GLN B 84 14.75 -25.92 -16.92
N ASP B 85 15.89 -25.76 -16.24
CA ASP B 85 16.80 -26.85 -15.91
C ASP B 85 17.65 -27.26 -17.10
N GLN B 86 18.39 -26.31 -17.65
CA GLN B 86 19.27 -26.57 -18.79
C GLN B 86 20.53 -25.72 -18.71
N GLU B 87 21.09 -25.35 -19.86
CA GLU B 87 22.29 -24.51 -19.89
C GLU B 87 21.82 -23.09 -19.56
N GLU B 88 20.52 -22.97 -19.27
CA GLU B 88 19.92 -21.69 -18.91
C GLU B 88 20.72 -21.02 -17.81
N ALA B 89 20.92 -21.74 -16.71
CA ALA B 89 21.67 -21.21 -15.58
C ALA B 89 23.08 -20.84 -16.02
N ALA B 90 23.72 -21.75 -16.74
CA ALA B 90 25.07 -21.51 -17.22
C ALA B 90 25.19 -20.26 -18.08
N SER B 91 24.42 -20.20 -19.16
CA SER B 91 24.44 -19.06 -20.09
C SER B 91 24.30 -17.68 -19.46
N MET B 92 23.29 -17.50 -18.61
CA MET B 92 23.09 -16.22 -17.98
C MET B 92 24.22 -15.91 -17.02
N LEU B 93 24.79 -16.93 -16.40
CA LEU B 93 25.90 -16.71 -15.48
C LEU B 93 27.03 -16.03 -16.27
N ARG B 94 26.98 -16.17 -17.59
CA ARG B 94 27.99 -15.56 -18.44
C ARG B 94 27.60 -14.11 -18.77
N ARG B 95 26.35 -13.77 -18.45
CA ARG B 95 25.81 -12.43 -18.67
C ARG B 95 26.27 -11.56 -17.50
N LEU B 96 25.82 -11.92 -16.29
CA LEU B 96 26.18 -11.18 -15.09
C LEU B 96 27.69 -10.94 -15.06
N SER B 97 28.43 -12.02 -15.21
CA SER B 97 29.89 -12.01 -15.21
C SER B 97 30.63 -10.69 -15.51
N GLY B 98 31.61 -10.39 -14.67
CA GLY B 98 32.41 -9.19 -14.84
C GLY B 98 31.70 -7.85 -14.95
N ARG B 99 30.49 -7.75 -14.40
CA ARG B 99 29.73 -6.50 -14.45
C ARG B 99 28.58 -6.49 -13.45
N SER B 100 27.97 -5.32 -13.27
CA SER B 100 26.84 -5.13 -12.36
C SER B 100 25.48 -5.32 -12.99
N HIS B 101 24.54 -5.73 -12.14
CA HIS B 101 23.14 -5.94 -12.51
C HIS B 101 22.31 -5.60 -11.27
N SER B 102 21.00 -5.46 -11.46
CA SER B 102 20.12 -5.10 -10.34
C SER B 102 19.33 -6.28 -9.80
N VAL B 103 19.21 -6.31 -8.48
CA VAL B 103 18.42 -7.34 -7.83
C VAL B 103 17.29 -6.53 -7.21
N ILE B 104 16.08 -6.74 -7.71
CA ILE B 104 14.92 -6.01 -7.22
C ILE B 104 14.02 -6.94 -6.40
N THR B 105 13.72 -6.52 -5.17
CA THR B 105 12.86 -7.29 -4.28
C THR B 105 11.71 -6.41 -3.81
N ALA B 106 10.49 -6.92 -3.93
CA ALA B 106 9.30 -6.17 -3.52
C ALA B 106 8.60 -6.89 -2.37
N VAL B 107 8.22 -6.13 -1.36
CA VAL B 107 7.53 -6.69 -0.22
C VAL B 107 6.13 -6.07 -0.12
N SER B 108 5.13 -6.93 0.05
CA SER B 108 3.76 -6.48 0.18
C SER B 108 3.17 -6.97 1.49
N ILE B 109 2.54 -6.06 2.23
CA ILE B 109 1.94 -6.33 3.53
C ILE B 109 0.44 -5.98 3.52
N GLN B 110 -0.42 -7.00 3.50
CA GLN B 110 -1.88 -6.82 3.45
C GLN B 110 -2.63 -6.94 4.79
N ALA B 111 -3.66 -6.12 4.95
CA ALA B 111 -4.51 -6.09 6.16
C ALA B 111 -5.76 -5.33 5.74
N GLU B 112 -6.91 -5.62 6.34
CA GLU B 112 -8.12 -4.95 5.92
C GLU B 112 -8.17 -3.48 6.22
N ASN B 113 -7.27 -3.00 7.08
CA ASN B 113 -7.27 -1.58 7.42
C ASN B 113 -5.97 -0.93 7.01
N HIS B 114 -5.13 -1.67 6.30
CA HIS B 114 -3.85 -1.12 5.87
C HIS B 114 -3.05 -2.06 4.96
N SER B 115 -2.60 -1.55 3.81
CA SER B 115 -1.80 -2.34 2.86
C SER B 115 -0.59 -1.50 2.49
N GLU B 116 0.50 -2.17 2.13
CA GLU B 116 1.73 -1.47 1.80
C GLU B 116 2.66 -2.27 0.91
N THR B 117 3.04 -1.69 -0.22
CA THR B 117 3.96 -2.37 -1.13
C THR B 117 5.11 -1.42 -1.43
N PHE B 118 6.33 -1.95 -1.56
CA PHE B 118 7.49 -1.13 -1.90
C PHE B 118 8.55 -2.06 -2.41
N TYR B 119 9.59 -1.51 -3.02
CA TYR B 119 10.65 -2.37 -3.51
C TYR B 119 12.04 -1.81 -3.19
N ASP B 120 12.96 -2.72 -2.93
CA ASP B 120 14.33 -2.41 -2.62
C ASP B 120 15.13 -2.77 -3.87
N LYS B 121 16.16 -1.99 -4.19
CA LYS B 121 16.98 -2.25 -5.37
C LYS B 121 18.44 -2.17 -4.95
N THR B 122 19.19 -3.23 -5.22
CA THR B 122 20.61 -3.30 -4.86
C THR B 122 21.48 -3.60 -6.08
N GLU B 123 22.58 -2.86 -6.22
CA GLU B 123 23.49 -3.07 -7.33
C GLU B 123 24.47 -4.17 -6.96
N VAL B 124 24.58 -5.18 -7.82
CA VAL B 124 25.49 -6.29 -7.58
C VAL B 124 26.59 -6.31 -8.65
N ALA B 125 27.84 -6.39 -8.22
CA ALA B 125 28.95 -6.42 -9.17
C ALA B 125 29.70 -7.73 -9.00
N PHE B 126 29.95 -8.41 -10.12
CA PHE B 126 30.66 -9.69 -10.11
C PHE B 126 32.08 -9.50 -10.59
N TRP B 127 32.85 -10.58 -10.50
CA TRP B 127 34.21 -10.60 -10.99
C TRP B 127 33.95 -11.35 -12.29
N SER B 128 34.92 -11.39 -13.20
CA SER B 128 34.75 -12.15 -14.43
C SER B 128 34.62 -13.63 -14.02
N LEU B 129 33.61 -14.29 -14.56
CA LEU B 129 33.33 -15.69 -14.24
C LEU B 129 33.75 -16.67 -15.34
N SER B 130 34.43 -17.75 -14.94
CA SER B 130 34.92 -18.76 -15.88
C SER B 130 34.01 -19.98 -15.99
N GLU B 131 34.21 -20.76 -17.05
CA GLU B 131 33.43 -21.96 -17.34
C GLU B 131 33.54 -23.05 -16.27
N GLU B 132 34.77 -23.34 -15.86
CA GLU B 132 35.00 -24.34 -14.84
C GLU B 132 34.17 -24.00 -13.61
N GLU B 133 34.23 -22.72 -13.23
CA GLU B 133 33.51 -22.19 -12.06
C GLU B 133 31.99 -22.31 -12.11
N ILE B 134 31.39 -21.92 -13.24
CA ILE B 134 29.93 -22.00 -13.35
C ILE B 134 29.40 -23.41 -13.17
N TRP B 135 29.74 -24.32 -14.09
CA TRP B 135 29.28 -25.70 -13.99
C TRP B 135 29.54 -26.36 -12.64
N THR B 136 30.69 -26.12 -12.05
CA THR B 136 30.99 -26.69 -10.74
C THR B 136 29.96 -26.17 -9.76
N TYR B 137 29.43 -24.99 -10.07
CA TYR B 137 28.41 -24.35 -9.23
C TYR B 137 27.04 -24.97 -9.58
N ILE B 138 26.91 -25.42 -10.83
CA ILE B 138 25.66 -26.03 -11.28
C ILE B 138 25.33 -27.36 -10.59
N GLU B 139 26.24 -28.33 -10.64
CA GLU B 139 26.00 -29.63 -10.02
C GLU B 139 25.14 -29.48 -8.79
N THR B 140 25.67 -28.77 -7.80
CA THR B 140 24.91 -28.54 -6.58
C THR B 140 23.71 -27.74 -7.05
N LYS B 141 22.55 -28.40 -7.04
CA LYS B 141 21.28 -27.82 -7.45
C LYS B 141 21.11 -26.33 -7.13
N GLU B 142 21.95 -25.83 -6.21
CA GLU B 142 21.91 -24.44 -5.76
C GLU B 142 21.61 -23.34 -6.80
N PRO B 143 22.32 -23.32 -7.94
CA PRO B 143 22.06 -22.29 -8.95
C PRO B 143 20.90 -22.58 -9.91
N MET B 144 20.01 -23.49 -9.53
CA MET B 144 18.89 -23.83 -10.40
C MET B 144 17.49 -23.68 -9.79
N ASP B 145 17.35 -22.78 -8.83
CA ASP B 145 16.04 -22.53 -8.20
C ASP B 145 15.99 -21.08 -7.74
N LYS B 146 17.16 -20.45 -7.74
CA LYS B 146 17.30 -19.05 -7.35
C LYS B 146 17.55 -18.21 -8.59
N ALA B 147 16.55 -17.42 -8.96
CA ALA B 147 16.61 -16.55 -10.14
C ALA B 147 17.95 -15.86 -10.35
N GLY B 148 18.44 -15.92 -11.58
CA GLY B 148 19.71 -15.29 -11.90
C GLY B 148 20.76 -16.35 -12.11
N ALA B 149 20.47 -17.56 -11.62
CA ALA B 149 21.35 -18.71 -11.72
C ALA B 149 22.46 -18.64 -10.68
N TYR B 150 22.22 -17.88 -9.62
CA TYR B 150 23.21 -17.76 -8.57
C TYR B 150 22.60 -17.37 -7.24
N GLY B 151 23.34 -17.65 -6.18
CA GLY B 151 22.90 -17.31 -4.85
C GLY B 151 24.06 -16.55 -4.22
N ILE B 152 23.79 -15.38 -3.68
CA ILE B 152 24.86 -14.61 -3.06
C ILE B 152 25.35 -15.44 -1.88
N GLN B 153 24.46 -16.34 -1.42
CA GLN B 153 24.77 -17.24 -0.31
C GLN B 153 25.44 -18.48 -0.90
N GLY B 154 26.31 -19.11 -0.13
CA GLY B 154 26.97 -20.30 -0.65
C GLY B 154 28.06 -19.96 -1.66
N ARG B 155 28.28 -20.89 -2.59
CA ARG B 155 29.32 -20.76 -3.61
C ARG B 155 29.30 -19.49 -4.45
N GLY B 156 28.11 -18.98 -4.74
CA GLY B 156 27.99 -17.76 -5.52
C GLY B 156 28.65 -16.59 -4.83
N ALA B 157 28.74 -16.67 -3.51
CA ALA B 157 29.35 -15.60 -2.73
C ALA B 157 30.71 -15.24 -3.32
N LEU B 158 31.37 -16.22 -3.94
CA LEU B 158 32.69 -16.04 -4.54
C LEU B 158 32.66 -15.31 -5.88
N PHE B 159 31.49 -15.24 -6.49
CA PHE B 159 31.34 -14.57 -7.78
C PHE B 159 31.19 -13.06 -7.58
N VAL B 160 30.69 -12.69 -6.40
CA VAL B 160 30.42 -11.31 -6.08
C VAL B 160 31.58 -10.46 -5.60
N LYS B 161 31.86 -9.39 -6.32
CA LYS B 161 32.94 -8.49 -5.97
C LYS B 161 32.45 -7.55 -4.86
N LYS B 162 31.20 -7.11 -4.99
CA LYS B 162 30.59 -6.20 -4.02
C LYS B 162 29.14 -5.91 -4.35
N ILE B 163 28.41 -5.35 -3.39
CA ILE B 163 27.03 -4.99 -3.63
C ILE B 163 26.83 -3.55 -3.18
N ASP B 164 25.74 -2.94 -3.62
CA ASP B 164 25.43 -1.58 -3.23
C ASP B 164 23.95 -1.51 -2.92
N GLY B 165 23.64 -1.83 -1.67
CA GLY B 165 22.27 -1.82 -1.24
C GLY B 165 22.13 -2.66 0.02
N ASP B 166 21.15 -3.55 0.01
CA ASP B 166 20.91 -4.41 1.16
C ASP B 166 21.05 -5.90 0.87
N TYR B 167 22.08 -6.49 1.47
CA TYR B 167 22.41 -7.90 1.31
C TYR B 167 21.20 -8.78 1.53
N TYR B 168 20.41 -8.45 2.54
CA TYR B 168 19.23 -9.22 2.89
C TYR B 168 18.15 -9.12 1.82
N SER B 169 18.15 -8.00 1.10
CA SER B 169 17.18 -7.84 0.04
C SER B 169 17.60 -8.82 -1.07
N VAL B 170 18.90 -8.97 -1.26
CA VAL B 170 19.38 -9.88 -2.29
C VAL B 170 18.99 -11.31 -1.92
N MET B 171 18.94 -11.59 -0.61
CA MET B 171 18.55 -12.92 -0.15
C MET B 171 17.05 -13.12 -0.37
N GLY B 172 16.31 -12.03 -0.56
CA GLY B 172 14.89 -12.12 -0.82
C GLY B 172 13.96 -11.46 0.17
N LEU B 173 14.51 -10.66 1.07
CA LEU B 173 13.66 -10.03 2.07
C LEU B 173 14.37 -8.89 2.79
N PRO B 174 14.01 -7.62 2.48
CA PRO B 174 14.63 -6.46 3.14
C PRO B 174 14.03 -6.33 4.56
N ILE B 175 14.42 -7.26 5.43
CA ILE B 175 13.92 -7.33 6.79
C ILE B 175 13.92 -6.00 7.58
N SER B 176 14.96 -5.19 7.38
CA SER B 176 15.07 -3.92 8.08
C SER B 176 13.98 -2.92 7.66
N LYS B 177 13.62 -2.96 6.39
CA LYS B 177 12.59 -2.08 5.84
C LYS B 177 11.22 -2.68 6.17
N THR B 178 11.17 -4.01 6.27
CA THR B 178 9.95 -4.75 6.56
C THR B 178 9.49 -4.49 7.99
N MET B 179 10.42 -4.58 8.91
CA MET B 179 10.14 -4.33 10.32
C MET B 179 9.54 -2.94 10.49
N ARG B 180 10.31 -1.93 10.08
CA ARG B 180 9.89 -0.56 10.19
C ARG B 180 8.44 -0.42 9.74
N ALA B 181 8.14 -0.89 8.54
CA ALA B 181 6.78 -0.82 8.02
C ALA B 181 5.76 -1.46 8.97
N LEU B 182 6.16 -2.54 9.65
CA LEU B 182 5.26 -3.22 10.58
C LEU B 182 4.99 -2.47 11.87
N ARG B 183 5.86 -1.52 12.22
CA ARG B 183 5.65 -0.76 13.45
C ARG B 183 4.36 0.05 13.29
N HIS B 184 3.86 0.09 12.06
CA HIS B 184 2.64 0.81 11.74
C HIS B 184 1.46 -0.10 11.44
N PHE B 185 1.59 -1.37 11.84
CA PHE B 185 0.51 -2.34 11.63
C PHE B 185 0.11 -2.89 12.98
#